data_8ZG3
#
_entry.id   8ZG3
#
_entity_poly.entity_id   1
_entity_poly.type   'polypeptide(L)'
_entity_poly.pdbx_seq_one_letter_code
;LGGGSVRFGPG
;
_entity_poly.pdbx_strand_id   A
#
# COMPACT_ATOMS: atom_id res chain seq x y z
N LEU A 1 -1.17 5.38 2.11
CA LEU A 1 0.23 5.06 2.48
C LEU A 1 0.63 3.73 1.82
N GLY A 2 1.17 3.83 0.60
CA GLY A 2 1.58 2.64 -0.14
C GLY A 2 2.69 1.90 0.61
N GLY A 3 2.64 0.57 0.59
CA GLY A 3 3.65 -0.24 1.28
C GLY A 3 3.52 -0.10 2.79
N GLY A 4 2.30 0.19 3.26
CA GLY A 4 2.03 0.36 4.69
C GLY A 4 1.46 -0.91 5.30
N SER A 5 0.50 -0.74 6.21
CA SER A 5 -0.13 -1.86 6.89
C SER A 5 -0.80 -2.79 5.88
N VAL A 6 -1.48 -2.19 4.90
CA VAL A 6 -2.18 -2.96 3.87
C VAL A 6 -1.50 -2.72 2.53
N ARG A 7 -1.19 -3.80 1.80
CA ARG A 7 -0.56 -3.66 0.49
C ARG A 7 -1.48 -2.87 -0.43
N PHE A 8 -0.94 -1.80 -1.03
CA PHE A 8 -1.72 -0.96 -1.92
C PHE A 8 -1.39 -1.21 -3.38
N GLY A 9 -2.41 -1.60 -4.15
CA GLY A 9 -2.25 -1.85 -5.58
C GLY A 9 -1.82 -0.56 -6.33
N PRO A 10 -2.40 0.61 -6.05
CA PRO A 10 -2.01 1.88 -6.74
C PRO A 10 -0.50 2.11 -6.69
N GLY A 11 0.11 1.77 -5.55
CA GLY A 11 1.55 1.94 -5.37
C GLY A 11 2.28 0.61 -5.53
N LEU A 1 -0.94 5.37 2.04
CA LEU A 1 0.45 4.97 2.42
C LEU A 1 0.77 3.61 1.81
N GLY A 2 1.32 3.63 0.59
CA GLY A 2 1.67 2.39 -0.11
C GLY A 2 2.74 1.63 0.66
N GLY A 3 2.61 0.30 0.69
CA GLY A 3 3.57 -0.54 1.41
C GLY A 3 3.45 -0.34 2.92
N GLY A 4 2.25 0.03 3.38
CA GLY A 4 2.02 0.27 4.80
C GLY A 4 1.40 -0.94 5.47
N SER A 5 0.45 -0.68 6.38
CA SER A 5 -0.23 -1.74 7.10
C SER A 5 -0.96 -2.68 6.14
N VAL A 6 -1.61 -2.09 5.14
CA VAL A 6 -2.35 -2.87 4.13
C VAL A 6 -1.65 -2.73 2.79
N ARG A 7 -1.39 -3.86 2.12
CA ARG A 7 -0.74 -3.83 0.82
C ARG A 7 -1.63 -3.06 -0.16
N PHE A 8 -1.04 -2.05 -0.82
CA PHE A 8 -1.80 -1.23 -1.77
C PHE A 8 -1.45 -1.56 -3.21
N GLY A 9 -2.48 -1.91 -3.98
CA GLY A 9 -2.30 -2.23 -5.40
C GLY A 9 -1.74 -1.02 -6.18
N PRO A 10 -2.25 0.21 -5.98
CA PRO A 10 -1.72 1.40 -6.71
C PRO A 10 -0.42 1.90 -6.11
N GLY A 11 0.33 2.66 -6.93
CA GLY A 11 1.61 3.20 -6.50
C GLY A 11 2.44 3.66 -7.69
N LEU A 1 -0.77 6.29 1.76
CA LEU A 1 -0.11 5.12 2.41
C LEU A 1 0.13 4.03 1.37
N GLY A 2 1.42 3.74 1.12
CA GLY A 2 1.79 2.71 0.15
C GLY A 2 2.80 1.74 0.76
N GLY A 3 2.51 0.44 0.64
CA GLY A 3 3.40 -0.58 1.19
C GLY A 3 3.45 -0.52 2.72
N GLY A 4 2.34 -0.08 3.32
CA GLY A 4 2.25 0.06 4.78
C GLY A 4 1.57 -1.15 5.42
N SER A 5 0.68 -0.87 6.36
CA SER A 5 -0.05 -1.91 7.08
C SER A 5 -0.88 -2.77 6.13
N VAL A 6 -1.50 -2.13 5.14
CA VAL A 6 -2.33 -2.83 4.16
C VAL A 6 -1.66 -2.77 2.79
N ARG A 7 -1.55 -3.93 2.13
CA ARG A 7 -0.94 -3.98 0.81
C ARG A 7 -1.77 -3.13 -0.15
N PHE A 8 -1.11 -2.19 -0.85
CA PHE A 8 -1.81 -1.31 -1.78
C PHE A 8 -1.52 -1.67 -3.23
N GLY A 9 -2.58 -1.91 -3.99
CA GLY A 9 -2.46 -2.22 -5.41
C GLY A 9 -1.80 -1.05 -6.19
N PRO A 10 -2.20 0.21 -5.96
CA PRO A 10 -1.58 1.37 -6.68
C PRO A 10 -0.22 1.73 -6.11
N GLY A 11 0.58 2.41 -6.92
CA GLY A 11 1.92 2.83 -6.51
C GLY A 11 2.33 4.12 -7.22
N LEU A 1 -1.62 5.46 2.39
CA LEU A 1 -0.15 5.20 2.37
C LEU A 1 0.15 4.21 1.26
N GLY A 2 1.45 3.94 1.04
CA GLY A 2 1.88 3.00 0.02
C GLY A 2 2.88 2.01 0.59
N GLY A 3 2.59 0.71 0.44
CA GLY A 3 3.47 -0.34 0.95
C GLY A 3 3.52 -0.32 2.48
N GLY A 4 2.41 0.11 3.10
CA GLY A 4 2.33 0.19 4.55
C GLY A 4 1.68 -1.06 5.16
N SER A 5 0.78 -0.82 6.12
CA SER A 5 0.09 -1.91 6.80
C SER A 5 -0.73 -2.74 5.82
N VAL A 6 -1.40 -2.07 4.88
CA VAL A 6 -2.22 -2.74 3.89
C VAL A 6 -1.55 -2.62 2.52
N ARG A 7 -1.40 -3.76 1.82
CA ARG A 7 -0.78 -3.73 0.49
C ARG A 7 -1.66 -2.89 -0.43
N PHE A 8 -1.04 -1.91 -1.11
CA PHE A 8 -1.77 -1.03 -2.02
C PHE A 8 -1.48 -1.35 -3.47
N GLY A 9 -2.55 -1.60 -4.23
CA GLY A 9 -2.42 -1.87 -5.66
C GLY A 9 -1.79 -0.67 -6.40
N PRO A 10 -2.25 0.57 -6.18
CA PRO A 10 -1.66 1.77 -6.87
C PRO A 10 -0.22 2.06 -6.43
N GLY A 11 0.13 1.60 -5.23
CA GLY A 11 1.47 1.82 -4.69
C GLY A 11 2.28 0.53 -4.75
N LEU A 1 -1.00 5.31 2.15
CA LEU A 1 0.39 4.94 2.51
C LEU A 1 0.75 3.61 1.85
N GLY A 2 1.27 3.69 0.62
CA GLY A 2 1.65 2.48 -0.12
C GLY A 2 2.73 1.70 0.63
N GLY A 3 2.60 0.38 0.62
CA GLY A 3 3.57 -0.47 1.33
C GLY A 3 3.48 -0.29 2.84
N GLY A 4 2.28 0.08 3.32
CA GLY A 4 2.04 0.30 4.74
C GLY A 4 1.44 -0.92 5.41
N SER A 5 0.50 -0.68 6.32
CA SER A 5 -0.18 -1.75 7.05
C SER A 5 -0.92 -2.68 6.08
N VAL A 6 -1.54 -2.08 5.07
CA VAL A 6 -2.29 -2.84 4.07
C VAL A 6 -1.61 -2.71 2.72
N ARG A 7 -1.37 -3.84 2.05
CA ARG A 7 -0.73 -3.80 0.74
C ARG A 7 -1.61 -3.03 -0.23
N PHE A 8 -1.03 -2.03 -0.90
CA PHE A 8 -1.79 -1.20 -1.84
C PHE A 8 -1.44 -1.52 -3.28
N GLY A 9 -2.46 -1.88 -4.06
CA GLY A 9 -2.27 -2.18 -5.47
C GLY A 9 -1.75 -0.95 -6.25
N PRO A 10 -2.28 0.27 -6.03
CA PRO A 10 -1.79 1.49 -6.74
C PRO A 10 -0.48 2.01 -6.16
N GLY A 11 0.24 2.77 -6.96
CA GLY A 11 1.51 3.35 -6.54
C GLY A 11 2.50 2.24 -6.14
N LEU A 1 -1.17 5.27 1.96
CA LEU A 1 0.24 4.93 2.32
C LEU A 1 0.61 3.58 1.73
N GLY A 2 1.14 3.59 0.50
CA GLY A 2 1.53 2.36 -0.17
C GLY A 2 2.64 1.66 0.60
N GLY A 3 2.56 0.33 0.66
CA GLY A 3 3.57 -0.46 1.37
C GLY A 3 3.48 -0.22 2.88
N GLY A 4 2.29 0.11 3.36
CA GLY A 4 2.06 0.37 4.78
C GLY A 4 1.51 -0.85 5.49
N SER A 5 0.53 -0.62 6.37
CA SER A 5 -0.09 -1.70 7.13
C SER A 5 -0.74 -2.72 6.19
N VAL A 6 -1.44 -2.20 5.17
CA VAL A 6 -2.11 -3.05 4.19
C VAL A 6 -1.48 -2.83 2.81
N ARG A 7 -1.41 -3.90 2.02
CA ARG A 7 -0.83 -3.83 0.68
C ARG A 7 -1.72 -2.99 -0.23
N PHE A 8 -1.12 -2.02 -0.92
CA PHE A 8 -1.86 -1.14 -1.83
C PHE A 8 -1.55 -1.46 -3.29
N GLY A 9 -2.61 -1.71 -4.06
CA GLY A 9 -2.46 -2.00 -5.48
C GLY A 9 -1.83 -0.81 -6.24
N PRO A 10 -2.26 0.44 -6.01
CA PRO A 10 -1.67 1.62 -6.72
C PRO A 10 -0.34 2.03 -6.12
N GLY A 11 0.46 2.75 -6.92
CA GLY A 11 1.77 3.21 -6.48
C GLY A 11 2.75 2.06 -6.39
N LEU A 1 4.48 -2.78 2.78
CA LEU A 1 3.10 -2.80 3.33
C LEU A 1 2.24 -1.71 2.65
N GLY A 2 2.64 -1.29 1.44
CA GLY A 2 1.90 -0.27 0.71
C GLY A 2 2.23 1.12 1.26
N GLY A 3 1.56 2.14 0.73
CA GLY A 3 1.77 3.50 1.21
C GLY A 3 1.41 3.59 2.69
N GLY A 4 0.34 2.89 3.06
CA GLY A 4 -0.11 2.84 4.45
C GLY A 4 0.20 1.48 5.05
N SER A 5 -0.57 1.10 6.08
CA SER A 5 -0.37 -0.19 6.76
C SER A 5 -0.64 -1.36 5.83
N VAL A 6 -1.67 -1.24 5.00
CA VAL A 6 -2.06 -2.31 4.07
C VAL A 6 -1.35 -2.13 2.74
N ARG A 7 -0.90 -3.25 2.14
CA ARG A 7 -0.22 -3.21 0.85
C ARG A 7 -1.20 -2.67 -0.19
N PHE A 8 -0.77 -1.65 -0.94
CA PHE A 8 -1.63 -1.04 -1.96
C PHE A 8 -1.13 -1.29 -3.37
N GLY A 9 -1.98 -1.94 -4.17
CA GLY A 9 -1.66 -2.20 -5.57
C GLY A 9 -1.45 -0.89 -6.35
N PRO A 10 -2.29 0.14 -6.18
CA PRO A 10 -2.13 1.43 -6.91
C PRO A 10 -1.02 2.29 -6.31
N GLY A 11 -0.49 3.21 -7.12
CA GLY A 11 0.58 4.09 -6.68
C GLY A 11 1.07 4.96 -7.83
N LEU A 1 -0.91 5.51 1.94
CA LEU A 1 0.41 5.03 2.44
C LEU A 1 0.73 3.67 1.81
N GLY A 2 1.28 3.70 0.60
CA GLY A 2 1.64 2.47 -0.11
C GLY A 2 2.71 1.71 0.65
N GLY A 3 2.60 0.38 0.66
CA GLY A 3 3.57 -0.47 1.36
C GLY A 3 3.46 -0.28 2.88
N GLY A 4 2.26 0.07 3.35
CA GLY A 4 2.01 0.29 4.77
C GLY A 4 1.41 -0.95 5.43
N SER A 5 0.47 -0.72 6.34
CA SER A 5 -0.20 -1.81 7.06
C SER A 5 -0.90 -2.74 6.08
N VAL A 6 -1.56 -2.16 5.09
CA VAL A 6 -2.29 -2.93 4.07
C VAL A 6 -1.60 -2.76 2.73
N ARG A 7 -1.32 -3.88 2.04
CA ARG A 7 -0.68 -3.81 0.74
C ARG A 7 -1.58 -3.04 -0.22
N PHE A 8 -1.02 -2.01 -0.87
CA PHE A 8 -1.80 -1.19 -1.80
C PHE A 8 -1.45 -1.51 -3.25
N GLY A 9 -2.48 -1.86 -4.03
CA GLY A 9 -2.29 -2.16 -5.44
C GLY A 9 -1.76 -0.94 -6.22
N PRO A 10 -2.30 0.28 -6.01
CA PRO A 10 -1.80 1.49 -6.72
C PRO A 10 -0.50 2.01 -6.13
N GLY A 11 0.23 2.78 -6.95
CA GLY A 11 1.51 3.35 -6.52
C GLY A 11 2.57 2.26 -6.38
N LEU A 1 5.67 -2.38 2.06
CA LEU A 1 4.21 -2.21 2.33
C LEU A 1 3.65 -1.13 1.40
N GLY A 2 2.34 -0.90 1.51
CA GLY A 2 1.68 0.11 0.69
C GLY A 2 1.82 1.48 1.34
N GLY A 3 1.02 2.44 0.88
CA GLY A 3 1.05 3.78 1.45
C GLY A 3 0.73 3.70 2.93
N GLY A 4 -0.22 2.84 3.27
CA GLY A 4 -0.62 2.62 4.65
C GLY A 4 -0.11 1.27 5.15
N SER A 5 -0.75 0.75 6.19
CA SER A 5 -0.36 -0.54 6.78
C SER A 5 -0.51 -1.69 5.79
N VAL A 6 -1.62 -1.67 5.05
CA VAL A 6 -1.91 -2.74 4.08
C VAL A 6 -1.19 -2.47 2.76
N ARG A 7 -0.68 -3.54 2.12
CA ARG A 7 0.00 -3.39 0.84
C ARG A 7 -1.01 -2.88 -0.19
N PHE A 8 -0.65 -1.80 -0.91
CA PHE A 8 -1.55 -1.22 -1.91
C PHE A 8 -1.01 -1.36 -3.32
N GLY A 9 -1.78 -2.04 -4.17
CA GLY A 9 -1.42 -2.21 -5.57
C GLY A 9 -1.34 -0.84 -6.29
N PRO A 10 -2.29 0.09 -6.08
CA PRO A 10 -2.25 1.42 -6.76
C PRO A 10 -1.23 2.35 -6.10
N GLY A 11 -0.81 3.36 -6.86
CA GLY A 11 0.17 4.34 -6.36
C GLY A 11 0.87 5.04 -7.52
N LEU A 1 -1.41 5.03 1.95
CA LEU A 1 0.00 5.21 2.40
C LEU A 1 0.94 4.56 1.39
N GLY A 2 0.77 3.26 1.18
CA GLY A 2 1.60 2.51 0.22
C GLY A 2 2.72 1.78 0.95
N GLY A 3 2.65 0.45 0.92
CA GLY A 3 3.66 -0.38 1.58
C GLY A 3 3.58 -0.25 3.10
N GLY A 4 2.38 0.05 3.60
CA GLY A 4 2.16 0.22 5.04
C GLY A 4 1.53 -1.03 5.66
N SER A 5 0.54 -0.80 6.52
CA SER A 5 -0.16 -1.90 7.20
C SER A 5 -0.82 -2.83 6.19
N VAL A 6 -1.46 -2.25 5.18
CA VAL A 6 -2.15 -3.03 4.15
C VAL A 6 -1.48 -2.81 2.79
N ARG A 7 -1.42 -3.87 1.98
CA ARG A 7 -0.81 -3.79 0.65
C ARG A 7 -1.66 -2.89 -0.24
N PHE A 8 -1.00 -1.94 -0.91
CA PHE A 8 -1.69 -0.99 -1.80
C PHE A 8 -1.42 -1.29 -3.26
N GLY A 9 -2.49 -1.58 -4.00
CA GLY A 9 -2.40 -1.85 -5.42
C GLY A 9 -1.86 -0.63 -6.19
N PRO A 10 -2.31 0.60 -5.90
CA PRO A 10 -1.81 1.83 -6.61
C PRO A 10 -0.30 1.99 -6.47
N GLY A 11 0.32 2.47 -7.53
CA GLY A 11 1.77 2.68 -7.55
C GLY A 11 2.51 1.34 -7.52
N LEU A 1 -1.07 5.37 2.01
CA LEU A 1 0.29 4.98 2.47
C LEU A 1 0.68 3.66 1.79
N GLY A 2 1.22 3.76 0.58
CA GLY A 2 1.63 2.58 -0.18
C GLY A 2 2.73 1.84 0.56
N GLY A 3 2.64 0.51 0.56
CA GLY A 3 3.63 -0.33 1.25
C GLY A 3 3.54 -0.16 2.77
N GLY A 4 2.33 0.18 3.25
CA GLY A 4 2.12 0.39 4.67
C GLY A 4 1.53 -0.86 5.34
N SER A 5 0.56 -0.64 6.23
CA SER A 5 -0.08 -1.74 6.95
C SER A 5 -0.74 -2.71 5.97
N VAL A 6 -1.41 -2.15 4.96
CA VAL A 6 -2.09 -2.96 3.94
C VAL A 6 -1.43 -2.74 2.57
N ARG A 7 -1.39 -3.80 1.76
CA ARG A 7 -0.80 -3.70 0.43
C ARG A 7 -1.66 -2.82 -0.47
N PHE A 8 -1.03 -1.85 -1.13
CA PHE A 8 -1.74 -0.95 -2.04
C PHE A 8 -1.38 -1.24 -3.48
N GLY A 9 -2.39 -1.67 -4.25
CA GLY A 9 -2.20 -1.97 -5.67
C GLY A 9 -1.71 -0.73 -6.46
N PRO A 10 -2.32 0.46 -6.29
CA PRO A 10 -1.85 1.68 -7.03
C PRO A 10 -0.48 2.18 -6.56
N GLY A 11 -0.10 1.81 -5.34
CA GLY A 11 1.18 2.22 -4.77
C GLY A 11 2.25 1.16 -5.03
N LEU A 1 -0.70 5.43 2.67
CA LEU A 1 0.59 4.99 3.29
C LEU A 1 1.03 3.67 2.67
N GLY A 2 1.81 3.75 1.59
CA GLY A 2 2.29 2.55 0.91
C GLY A 2 3.20 1.74 1.82
N GLY A 3 3.06 0.42 1.76
CA GLY A 3 3.87 -0.47 2.60
C GLY A 3 3.48 -0.34 4.07
N GLY A 4 2.22 0.02 4.32
CA GLY A 4 1.73 0.20 5.69
C GLY A 4 1.01 -1.06 6.18
N SER A 5 -0.12 -0.85 6.86
CA SER A 5 -0.92 -1.95 7.39
C SER A 5 -1.38 -2.87 6.26
N VAL A 6 -1.85 -2.27 5.17
CA VAL A 6 -2.32 -3.02 4.01
C VAL A 6 -1.42 -2.74 2.80
N ARG A 7 -1.21 -3.77 1.98
CA ARG A 7 -0.36 -3.62 0.79
C ARG A 7 -1.03 -2.69 -0.22
N PHE A 8 -0.27 -1.70 -0.71
CA PHE A 8 -0.80 -0.75 -1.68
C PHE A 8 -0.21 -0.98 -3.06
N GLY A 9 -1.09 -1.07 -4.05
CA GLY A 9 -0.68 -1.28 -5.44
C GLY A 9 -1.55 -0.45 -6.39
N PRO A 10 -1.64 0.87 -6.25
CA PRO A 10 -2.50 1.72 -7.15
C PRO A 10 -2.15 1.51 -8.62
N GLY A 11 -0.86 1.34 -8.90
CA GLY A 11 -0.39 1.14 -10.27
C GLY A 11 -0.82 2.29 -11.16
N LEU A 1 -1.13 5.14 2.06
CA LEU A 1 0.27 5.18 2.56
C LEU A 1 1.20 4.56 1.53
N GLY A 2 0.95 3.28 1.22
CA GLY A 2 1.76 2.55 0.24
C GLY A 2 2.83 1.72 0.95
N GLY A 3 2.68 0.40 0.88
CA GLY A 3 3.63 -0.51 1.52
C GLY A 3 3.55 -0.40 3.05
N GLY A 4 2.36 -0.04 3.54
CA GLY A 4 2.14 0.11 4.99
C GLY A 4 1.45 -1.11 5.58
N SER A 5 0.48 -0.83 6.46
CA SER A 5 -0.28 -1.90 7.13
C SER A 5 -1.02 -2.77 6.12
N VAL A 6 -1.60 -2.13 5.10
CA VAL A 6 -2.36 -2.84 4.07
C VAL A 6 -1.62 -2.71 2.74
N ARG A 7 -1.45 -3.83 2.03
CA ARG A 7 -0.79 -3.80 0.74
C ARG A 7 -1.61 -2.92 -0.21
N PHE A 8 -0.95 -1.93 -0.82
CA PHE A 8 -1.64 -1.03 -1.74
C PHE A 8 -1.34 -1.39 -3.19
N GLY A 9 -2.39 -1.79 -3.90
CA GLY A 9 -2.26 -2.14 -5.31
C GLY A 9 -1.79 -0.93 -6.15
N PRO A 10 -2.30 0.30 -5.92
CA PRO A 10 -1.86 1.50 -6.70
C PRO A 10 -0.35 1.72 -6.60
N GLY A 11 0.24 2.18 -7.70
CA GLY A 11 1.67 2.44 -7.77
C GLY A 11 1.98 3.85 -7.27
N LEU A 1 -0.88 5.33 2.69
CA LEU A 1 0.41 5.25 3.41
C LEU A 1 1.48 4.68 2.48
N GLY A 2 1.24 3.46 2.01
CA GLY A 2 2.17 2.79 1.11
C GLY A 2 3.13 1.91 1.90
N GLY A 3 3.00 0.59 1.71
CA GLY A 3 3.86 -0.37 2.41
C GLY A 3 3.56 -0.37 3.91
N GLY A 4 2.31 -0.05 4.26
CA GLY A 4 1.88 0.00 5.65
C GLY A 4 1.11 -1.26 6.05
N SER A 5 0.03 -1.06 6.79
CA SER A 5 -0.81 -2.16 7.25
C SER A 5 -1.41 -2.93 6.07
N VAL A 6 -1.81 -2.19 5.04
CA VAL A 6 -2.40 -2.79 3.85
C VAL A 6 -1.47 -2.57 2.65
N ARG A 7 -1.17 -3.65 1.92
CA ARG A 7 -0.30 -3.54 0.75
C ARG A 7 -0.99 -2.63 -0.27
N PHE A 8 -0.27 -1.61 -0.74
CA PHE A 8 -0.82 -0.67 -1.71
C PHE A 8 -0.23 -0.90 -3.10
N GLY A 9 -1.13 -1.05 -4.08
CA GLY A 9 -0.73 -1.24 -5.46
C GLY A 9 -1.66 -0.46 -6.40
N PRO A 10 -1.83 0.86 -6.21
CA PRO A 10 -2.73 1.68 -7.10
C PRO A 10 -2.37 1.54 -8.58
N GLY A 11 -1.06 1.46 -8.84
CA GLY A 11 -0.57 1.32 -10.22
C GLY A 11 0.66 0.42 -10.27
N LEU A 1 -0.98 5.17 1.91
CA LEU A 1 0.41 5.16 2.43
C LEU A 1 1.32 4.48 1.41
N GLY A 2 1.03 3.22 1.12
CA GLY A 2 1.82 2.45 0.16
C GLY A 2 2.87 1.62 0.89
N GLY A 3 2.70 0.29 0.85
CA GLY A 3 3.63 -0.63 1.50
C GLY A 3 3.55 -0.49 3.03
N GLY A 4 2.37 -0.10 3.52
CA GLY A 4 2.16 0.10 4.95
C GLY A 4 1.43 -1.09 5.56
N SER A 5 0.48 -0.79 6.45
CA SER A 5 -0.31 -1.81 7.14
C SER A 5 -1.08 -2.68 6.14
N VAL A 6 -1.63 -2.03 5.11
CA VAL A 6 -2.42 -2.73 4.09
C VAL A 6 -1.68 -2.65 2.75
N ARG A 7 -1.52 -3.79 2.08
CA ARG A 7 -0.85 -3.81 0.78
C ARG A 7 -1.66 -2.96 -0.20
N PHE A 8 -0.98 -2.00 -0.84
CA PHE A 8 -1.65 -1.13 -1.80
C PHE A 8 -1.31 -1.52 -3.23
N GLY A 9 -2.33 -1.97 -3.96
CA GLY A 9 -2.17 -2.36 -5.35
C GLY A 9 -1.67 -1.17 -6.21
N PRO A 10 -2.24 0.05 -6.07
CA PRO A 10 -1.78 1.22 -6.88
C PRO A 10 -0.48 1.80 -6.36
N GLY A 11 0.21 2.53 -7.23
CA GLY A 11 1.48 3.16 -6.87
C GLY A 11 1.71 4.44 -7.65
N LEU A 1 4.86 -2.08 1.98
CA LEU A 1 3.52 -2.42 2.54
C LEU A 1 2.49 -1.36 2.09
N GLY A 2 2.74 -0.73 0.94
CA GLY A 2 1.84 0.28 0.40
C GLY A 2 2.05 1.61 1.12
N GLY A 3 1.23 2.60 0.78
CA GLY A 3 1.32 3.91 1.42
C GLY A 3 1.09 3.75 2.93
N GLY A 4 0.13 2.90 3.28
CA GLY A 4 -0.20 2.62 4.68
C GLY A 4 0.23 1.22 5.08
N SER A 5 -0.45 0.67 6.08
CA SER A 5 -0.15 -0.67 6.59
C SER A 5 -0.36 -1.75 5.53
N VAL A 6 -1.48 -1.66 4.82
CA VAL A 6 -1.83 -2.64 3.78
C VAL A 6 -1.13 -2.29 2.46
N ARG A 7 -0.67 -3.32 1.74
CA ARG A 7 -0.02 -3.10 0.46
C ARG A 7 -1.05 -2.52 -0.51
N PHE A 8 -0.71 -1.40 -1.16
CA PHE A 8 -1.62 -0.76 -2.10
C PHE A 8 -1.12 -0.91 -3.52
N GLY A 9 -1.85 -1.69 -4.32
CA GLY A 9 -1.51 -1.90 -5.71
C GLY A 9 -1.52 -0.57 -6.50
N PRO A 10 -2.53 0.30 -6.35
CA PRO A 10 -2.56 1.61 -7.10
C PRO A 10 -1.45 2.56 -6.65
N GLY A 11 -0.96 2.37 -5.42
CA GLY A 11 0.10 3.21 -4.88
C GLY A 11 1.47 2.61 -5.17
N LEU A 1 -1.40 5.21 2.95
CA LEU A 1 0.08 5.04 3.03
C LEU A 1 0.51 4.01 2.01
N GLY A 2 1.83 3.79 1.92
CA GLY A 2 2.39 2.81 0.98
C GLY A 2 3.27 1.81 1.73
N GLY A 3 2.97 0.52 1.55
CA GLY A 3 3.74 -0.54 2.21
C GLY A 3 3.54 -0.48 3.73
N GLY A 4 2.36 -0.03 4.16
CA GLY A 4 2.07 0.09 5.58
C GLY A 4 1.28 -1.11 6.10
N SER A 5 0.20 -0.83 6.83
CA SER A 5 -0.64 -1.87 7.41
C SER A 5 -1.25 -2.76 6.32
N VAL A 6 -1.67 -2.15 5.21
CA VAL A 6 -2.28 -2.89 4.11
C VAL A 6 -1.41 -2.79 2.86
N ARG A 7 -1.52 -3.79 1.98
CA ARG A 7 -0.75 -3.79 0.75
C ARG A 7 -1.33 -2.77 -0.23
N PHE A 8 -0.49 -1.88 -0.73
CA PHE A 8 -0.92 -0.84 -1.67
C PHE A 8 -0.42 -1.13 -3.08
N GLY A 9 -1.34 -1.08 -4.03
CA GLY A 9 -1.00 -1.31 -5.44
C GLY A 9 -1.74 -0.30 -6.35
N PRO A 10 -1.57 1.00 -6.15
CA PRO A 10 -2.27 2.03 -7.00
C PRO A 10 -2.01 1.82 -8.48
N GLY A 11 -0.77 1.42 -8.81
CA GLY A 11 -0.38 1.18 -10.19
C GLY A 11 1.11 1.41 -10.38
N LEU A 1 0.36 5.87 2.55
CA LEU A 1 0.64 4.86 3.61
C LEU A 1 1.15 3.57 2.96
N GLY A 2 1.96 3.72 1.89
CA GLY A 2 2.52 2.57 1.18
C GLY A 2 3.36 1.72 2.11
N GLY A 3 3.21 0.40 1.98
CA GLY A 3 3.96 -0.55 2.83
C GLY A 3 3.48 -0.46 4.28
N GLY A 4 2.21 -0.10 4.46
CA GLY A 4 1.62 0.05 5.79
C GLY A 4 0.81 -1.19 6.17
N SER A 5 -0.32 -0.93 6.84
CA SER A 5 -1.21 -2.00 7.28
C SER A 5 -1.71 -2.82 6.10
N VAL A 6 -2.04 -2.12 5.01
CA VAL A 6 -2.53 -2.77 3.79
C VAL A 6 -1.51 -2.58 2.68
N ARG A 7 -1.14 -3.68 2.00
CA ARG A 7 -0.18 -3.57 0.91
C ARG A 7 -0.77 -2.69 -0.19
N PHE A 8 -0.02 -1.67 -0.60
CA PHE A 8 -0.49 -0.74 -1.63
C PHE A 8 0.20 -1.00 -2.96
N GLY A 9 -0.62 -1.24 -3.99
CA GLY A 9 -0.10 -1.47 -5.34
C GLY A 9 -1.02 -0.83 -6.41
N PRO A 10 -1.44 0.44 -6.25
CA PRO A 10 -2.33 1.10 -7.25
C PRO A 10 -1.55 1.59 -8.46
N GLY A 11 -2.26 1.79 -9.57
CA GLY A 11 -1.65 2.26 -10.80
C GLY A 11 -2.65 2.20 -11.96
N LEU A 1 -1.37 5.29 3.01
CA LEU A 1 0.11 5.12 3.10
C LEU A 1 0.56 4.04 2.11
N GLY A 2 1.88 3.90 1.95
CA GLY A 2 2.43 2.90 1.05
C GLY A 2 3.30 1.90 1.81
N GLY A 3 3.02 0.61 1.63
CA GLY A 3 3.78 -0.44 2.31
C GLY A 3 3.52 -0.40 3.83
N GLY A 4 2.33 0.04 4.21
CA GLY A 4 1.96 0.15 5.62
C GLY A 4 1.22 -1.09 6.12
N SER A 5 0.11 -0.85 6.83
CA SER A 5 -0.70 -1.92 7.39
C SER A 5 -1.24 -2.84 6.28
N VAL A 6 -1.69 -2.23 5.18
CA VAL A 6 -2.24 -2.99 4.05
C VAL A 6 -1.36 -2.83 2.82
N ARG A 7 -1.41 -3.82 1.93
CA ARG A 7 -0.61 -3.79 0.70
C ARG A 7 -1.23 -2.79 -0.27
N PHE A 8 -0.41 -1.85 -0.76
CA PHE A 8 -0.87 -0.83 -1.69
C PHE A 8 -0.32 -1.07 -3.09
N GLY A 9 -1.22 -1.06 -4.07
CA GLY A 9 -0.84 -1.25 -5.47
C GLY A 9 -1.58 -0.26 -6.38
N PRO A 10 -1.46 1.06 -6.15
CA PRO A 10 -2.16 2.08 -7.00
C PRO A 10 -1.84 1.90 -8.49
N GLY A 11 -0.59 1.54 -8.78
CA GLY A 11 -0.15 1.34 -10.15
C GLY A 11 -0.86 0.15 -10.78
N LEU A 1 0.10 5.91 2.29
CA LEU A 1 0.62 4.98 3.33
C LEU A 1 1.06 3.67 2.69
N GLY A 2 1.81 3.79 1.59
CA GLY A 2 2.30 2.62 0.87
C GLY A 2 3.20 1.78 1.77
N GLY A 3 3.08 0.45 1.66
CA GLY A 3 3.89 -0.46 2.47
C GLY A 3 3.48 -0.37 3.95
N GLY A 4 2.21 -0.03 4.20
CA GLY A 4 1.70 0.10 5.57
C GLY A 4 0.95 -1.16 5.99
N SER A 5 -0.14 -0.96 6.71
CA SER A 5 -0.96 -2.07 7.20
C SER A 5 -1.50 -2.90 6.04
N VAL A 6 -1.91 -2.22 4.98
CA VAL A 6 -2.46 -2.88 3.79
C VAL A 6 -1.52 -2.64 2.62
N ARG A 7 -1.16 -3.72 1.91
CA ARG A 7 -0.28 -3.58 0.74
C ARG A 7 -0.96 -2.70 -0.29
N PHE A 8 -0.26 -1.65 -0.73
CA PHE A 8 -0.82 -0.72 -1.71
C PHE A 8 -0.22 -0.95 -3.09
N GLY A 9 -1.09 -1.20 -4.07
CA GLY A 9 -0.66 -1.41 -5.44
C GLY A 9 -1.68 -0.81 -6.44
N PRO A 10 -2.19 0.42 -6.22
CA PRO A 10 -3.18 1.05 -7.15
C PRO A 10 -2.55 1.46 -8.49
N GLY A 11 -1.23 1.66 -8.49
CA GLY A 11 -0.52 2.05 -9.70
C GLY A 11 0.97 2.17 -9.44
#